data_3ZUU
#
_entry.id   3ZUU
#
_cell.length_a   77.570
_cell.length_b   99.017
_cell.length_c   108.451
_cell.angle_alpha   90.00
_cell.angle_beta   90.00
_cell.angle_gamma   90.00
#
_symmetry.space_group_name_H-M   'P 2 2 21'
#
loop_
_entity.id
_entity.type
_entity.pdbx_description
1 polymer 'Serine/threonine-protein kinase SRK2E'
2 non-polymer 1,2-ETHANEDIOL
3 non-polymer 'GOLD ION'
4 water water
#
_entity_poly.entity_id   1
_entity_poly.type   'polypeptide(L)'
_entity_poly.pdbx_seq_one_letter_code
;MDRPAVSGPMDLPIMHDSDRYELVKDIGSGNFGVARLMRDKQSNELVAVKYIERGEKIDENVKREIINHRSLRHPNIVRF
KEVILTPTHLAIVMEYASGGELFERICNAGRFSEDEARFFFQQLISGVSYCHAMQVCHRDLKLENTLLDGSPAPRLKICA
FGYSKSSVLHSQPKDTVGTPAYIAPEVLLKKEYDGKVADVWSCGVTLYVMLVGAYPFEDPEEPKNFRKTIHRILNVQYAI
PDYVHISPECRHLISRIFVADPAKRISIPEIRNHEWFLKNLPADLMNDNTMTTQFDESDQPGQSIEEIMQIIAEATVPPA
GTQNLNHYLTGSLDIDDDMEEDLESDLDDLDIDSSGEIVYAM
;
_entity_poly.pdbx_strand_id   A,B
#
loop_
_chem_comp.id
_chem_comp.type
_chem_comp.name
_chem_comp.formula
AU non-polymer 'GOLD ION' 'Au 1'
EDO non-polymer 1,2-ETHANEDIOL 'C2 H6 O2'
#
# COMPACT_ATOMS: atom_id res chain seq x y z
N MET A 10 -11.75 -2.52 -22.57
CA MET A 10 -10.85 -3.61 -22.89
C MET A 10 -9.45 -3.09 -23.22
N ASP A 11 -8.77 -3.76 -24.15
CA ASP A 11 -7.34 -3.52 -24.41
C ASP A 11 -7.01 -2.15 -24.99
N LEU A 12 -5.83 -1.65 -24.63
CA LEU A 12 -5.38 -0.32 -25.02
C LEU A 12 -4.83 -0.28 -26.44
N PRO A 13 -4.79 0.92 -27.04
CA PRO A 13 -3.97 1.21 -28.22
C PRO A 13 -2.49 1.21 -27.83
N ILE A 14 -1.63 1.40 -28.82
CA ILE A 14 -0.22 1.10 -28.63
C ILE A 14 0.60 2.32 -28.27
N MET A 15 1.70 2.08 -27.56
CA MET A 15 2.55 3.16 -27.11
C MET A 15 2.75 4.17 -28.23
N HIS A 16 2.65 5.45 -27.85
CA HIS A 16 2.79 6.53 -28.79
C HIS A 16 3.71 7.60 -28.23
N ASP A 17 3.89 8.69 -28.97
CA ASP A 17 4.73 9.80 -28.53
C ASP A 17 5.99 9.35 -27.80
N SER A 18 6.60 8.31 -28.37
CA SER A 18 7.66 7.54 -27.74
C SER A 18 8.93 8.35 -27.54
N ASP A 19 8.82 9.65 -27.79
CA ASP A 19 9.97 10.55 -27.72
C ASP A 19 9.84 11.54 -26.56
N ARG A 20 8.61 11.74 -26.08
CA ARG A 20 8.39 12.58 -24.91
C ARG A 20 8.22 11.70 -23.68
N TYR A 21 7.67 10.52 -23.91
CA TYR A 21 7.25 9.66 -22.84
C TYR A 21 7.92 8.31 -22.93
N GLU A 22 8.33 7.82 -21.77
CA GLU A 22 8.81 6.46 -21.62
C GLU A 22 7.68 5.65 -21.00
N LEU A 23 7.26 4.59 -21.69
CA LEU A 23 6.24 3.69 -21.17
C LEU A 23 6.70 3.06 -19.85
N VAL A 24 5.91 3.26 -18.79
CA VAL A 24 6.21 2.64 -17.51
C VAL A 24 5.49 1.30 -17.29
N LYS A 25 4.21 1.24 -17.61
CA LYS A 25 3.46 0.02 -17.35
C LYS A 25 2.05 0.08 -17.85
N ASP A 26 1.49 -1.07 -18.19
CA ASP A 26 0.09 -1.13 -18.57
C ASP A 26 -0.67 -1.70 -17.41
N ILE A 27 -1.71 -0.99 -16.98
CA ILE A 27 -2.48 -1.51 -15.86
C ILE A 27 -3.95 -1.65 -16.20
N GLY A 28 -4.61 -2.60 -15.57
CA GLY A 28 -5.96 -2.96 -15.93
C GLY A 28 -7.07 -2.67 -14.93
N SER A 29 -6.75 -2.09 -13.78
CA SER A 29 -7.79 -1.75 -12.80
C SER A 29 -7.36 -0.77 -11.70
N GLY A 30 -8.17 -0.71 -10.65
CA GLY A 30 -7.82 0.06 -9.48
C GLY A 30 -8.62 1.34 -9.32
N ASN A 31 -7.91 2.45 -9.22
CA ASN A 31 -8.52 3.75 -9.00
C ASN A 31 -8.36 4.64 -10.22
N PHE A 32 -7.25 4.44 -10.92
CA PHE A 32 -7.02 5.07 -12.21
C PHE A 32 -7.57 4.14 -13.31
N GLY A 33 -8.56 3.33 -12.94
CA GLY A 33 -9.21 2.41 -13.86
C GLY A 33 -8.23 1.53 -14.61
N VAL A 34 -8.56 1.19 -15.86
CA VAL A 34 -7.62 0.57 -16.78
C VAL A 34 -6.87 1.71 -17.48
N ALA A 35 -5.55 1.71 -17.37
CA ALA A 35 -4.81 2.87 -17.82
C ALA A 35 -3.36 2.58 -18.17
N ARG A 36 -2.65 3.65 -18.49
CA ARG A 36 -1.26 3.47 -18.78
C ARG A 36 -0.37 4.44 -18.02
N LEU A 37 0.69 3.88 -17.45
CA LEU A 37 1.63 4.66 -16.67
C LEU A 37 2.79 4.91 -17.57
N MET A 38 3.24 6.15 -17.68
CA MET A 38 4.43 6.40 -18.47
C MET A 38 5.20 7.56 -17.93
N ARG A 39 6.45 7.72 -18.38
CA ARG A 39 7.25 8.82 -17.87
C ARG A 39 7.63 9.89 -18.90
N ASP A 40 7.33 11.13 -18.55
CA ASP A 40 7.80 12.29 -19.27
C ASP A 40 9.31 12.50 -19.06
N LYS A 41 10.06 12.39 -20.15
CA LYS A 41 11.51 12.46 -20.11
C LYS A 41 12.04 13.87 -19.82
N GLN A 42 11.16 14.86 -19.87
CA GLN A 42 11.55 16.27 -19.78
C GLN A 42 11.23 16.87 -18.42
N SER A 43 10.64 16.07 -17.54
CA SER A 43 10.41 16.48 -16.17
C SER A 43 10.82 15.38 -15.22
N ASN A 44 10.94 14.16 -15.76
CA ASN A 44 11.21 13.01 -14.91
C ASN A 44 9.89 12.50 -14.28
N GLU A 45 8.88 13.37 -14.26
CA GLU A 45 7.59 13.10 -13.63
C GLU A 45 6.81 11.92 -14.22
N LEU A 46 6.09 11.22 -13.35
CA LEU A 46 5.36 10.01 -13.73
C LEU A 46 3.86 10.27 -13.95
N VAL A 47 3.33 9.75 -15.05
CA VAL A 47 1.97 10.14 -15.45
C VAL A 47 1.03 9.00 -15.82
N ALA A 48 -0.25 9.31 -15.80
CA ALA A 48 -1.22 8.29 -16.18
C ALA A 48 -2.11 8.74 -17.31
N VAL A 49 -2.49 7.80 -18.16
CA VAL A 49 -3.14 8.06 -19.41
C VAL A 49 -4.39 7.24 -19.51
N LYS A 50 -5.49 7.95 -19.80
CA LYS A 50 -6.77 7.31 -20.11
C LYS A 50 -7.11 7.46 -21.59
N TYR A 51 -7.83 6.47 -22.10
CA TYR A 51 -8.17 6.37 -23.53
C TYR A 51 -9.66 6.22 -23.80
N ILE A 52 -10.22 7.16 -24.56
CA ILE A 52 -11.56 6.99 -25.13
C ILE A 52 -11.51 6.89 -26.64
N GLU A 53 -12.39 6.02 -27.15
CA GLU A 53 -12.51 5.74 -28.57
C GLU A 53 -13.07 6.90 -29.37
N ARG A 54 -12.31 7.32 -30.39
CA ARG A 54 -12.74 8.33 -31.33
C ARG A 54 -14.22 8.19 -31.71
N GLY A 55 -14.85 9.32 -32.03
CA GLY A 55 -16.24 9.33 -32.44
C GLY A 55 -17.27 9.52 -31.34
N GLU A 56 -18.44 8.95 -31.57
CA GLU A 56 -19.63 9.14 -30.72
C GLU A 56 -19.39 9.22 -29.21
N LYS A 57 -18.49 8.40 -28.69
CA LYS A 57 -18.24 8.38 -27.24
C LYS A 57 -17.67 9.71 -26.75
N ILE A 58 -16.98 10.41 -27.64
CA ILE A 58 -16.49 11.75 -27.37
C ILE A 58 -17.64 12.76 -27.24
N ASP A 59 -18.47 12.58 -26.21
CA ASP A 59 -19.67 13.39 -26.04
C ASP A 59 -19.47 14.67 -25.22
N GLU A 60 -20.57 15.38 -24.99
CA GLU A 60 -20.53 16.68 -24.37
C GLU A 60 -20.08 16.60 -22.92
N ASN A 61 -20.39 15.49 -22.27
CA ASN A 61 -19.95 15.28 -20.90
C ASN A 61 -18.44 15.12 -20.84
N VAL A 62 -17.88 14.56 -21.91
CA VAL A 62 -16.44 14.35 -22.04
C VAL A 62 -15.75 15.68 -22.26
N LYS A 63 -16.29 16.46 -23.19
CA LYS A 63 -15.85 17.83 -23.39
C LYS A 63 -15.82 18.60 -22.04
N ARG A 64 -16.97 18.64 -21.37
CA ARG A 64 -17.14 19.40 -20.14
C ARG A 64 -16.20 18.92 -19.05
N GLU A 65 -16.04 17.60 -18.99
CA GLU A 65 -15.23 16.95 -17.98
C GLU A 65 -13.75 17.29 -18.16
N ILE A 66 -13.24 17.13 -19.37
CA ILE A 66 -11.89 17.53 -19.69
C ILE A 66 -11.61 19.03 -19.51
N ILE A 67 -12.60 19.86 -19.79
CA ILE A 67 -12.38 21.31 -19.73
C ILE A 67 -12.26 21.67 -18.29
N ASN A 68 -13.23 21.15 -17.55
CA ASN A 68 -13.29 21.38 -16.12
C ASN A 68 -12.09 20.85 -15.43
N HIS A 69 -11.62 19.70 -15.89
CA HIS A 69 -10.43 19.11 -15.34
C HIS A 69 -9.24 20.00 -15.58
N ARG A 70 -9.07 20.43 -16.84
CA ARG A 70 -7.95 21.29 -17.21
C ARG A 70 -7.93 22.57 -16.37
N SER A 71 -9.08 23.03 -15.96
CA SER A 71 -9.16 24.25 -15.17
C SER A 71 -8.46 24.19 -13.80
N LEU A 72 -8.35 23.00 -13.20
CA LEU A 72 -7.92 22.92 -11.78
C LEU A 72 -6.42 22.84 -11.54
N ARG A 73 -5.95 23.74 -10.68
CA ARG A 73 -4.55 23.84 -10.29
C ARG A 73 -4.38 24.03 -8.78
N HIS A 74 -4.37 22.92 -8.06
CA HIS A 74 -4.14 22.91 -6.62
C HIS A 74 -3.25 21.71 -6.33
N PRO A 75 -2.29 21.85 -5.39
CA PRO A 75 -1.36 20.77 -5.11
C PRO A 75 -2.01 19.52 -4.45
N ASN A 76 -3.25 19.64 -3.99
CA ASN A 76 -3.93 18.46 -3.47
C ASN A 76 -4.88 17.78 -4.42
N ILE A 77 -4.96 18.28 -5.64
CA ILE A 77 -5.83 17.74 -6.65
C ILE A 77 -5.04 17.05 -7.72
N VAL A 78 -5.55 15.93 -8.21
CA VAL A 78 -4.88 15.18 -9.27
C VAL A 78 -4.94 15.95 -10.60
N ARG A 79 -3.79 16.39 -11.08
CA ARG A 79 -3.80 17.41 -12.12
C ARG A 79 -3.80 16.97 -13.59
N PHE A 80 -4.57 17.70 -14.38
CA PHE A 80 -4.58 17.58 -15.83
C PHE A 80 -3.23 18.03 -16.44
N LYS A 81 -2.70 17.18 -17.30
CA LYS A 81 -1.44 17.43 -17.99
C LYS A 81 -1.75 17.82 -19.43
N GLU A 82 -2.18 16.85 -20.21
CA GLU A 82 -2.42 17.20 -21.56
C GLU A 82 -3.32 16.23 -22.24
N VAL A 83 -3.78 16.62 -23.41
CA VAL A 83 -4.64 15.76 -24.17
C VAL A 83 -3.94 15.59 -25.51
N ILE A 84 -4.16 14.43 -26.13
CA ILE A 84 -3.42 13.97 -27.30
C ILE A 84 -4.33 13.12 -28.17
N LEU A 85 -4.15 13.22 -29.48
CA LEU A 85 -5.00 12.50 -30.41
C LEU A 85 -4.28 11.25 -30.92
N THR A 86 -4.97 10.12 -30.96
CA THR A 86 -4.45 8.95 -31.67
C THR A 86 -5.42 8.59 -32.80
N PRO A 87 -4.96 7.79 -33.76
CA PRO A 87 -5.85 7.25 -34.78
C PRO A 87 -7.12 6.65 -34.19
N THR A 88 -6.96 5.93 -33.09
CA THR A 88 -8.07 5.21 -32.45
C THR A 88 -8.71 5.91 -31.24
N HIS A 89 -7.90 6.70 -30.52
CA HIS A 89 -8.31 7.24 -29.22
C HIS A 89 -7.79 8.67 -28.98
N LEU A 90 -8.51 9.43 -28.17
CA LEU A 90 -7.97 10.65 -27.57
C LEU A 90 -7.21 10.26 -26.30
N ALA A 91 -5.96 10.71 -26.14
CA ALA A 91 -5.19 10.38 -24.95
C ALA A 91 -5.21 11.52 -23.93
N ILE A 92 -5.81 11.27 -22.77
CA ILE A 92 -5.77 12.24 -21.67
C ILE A 92 -4.69 11.88 -20.65
N VAL A 93 -3.78 12.83 -20.44
CA VAL A 93 -2.60 12.62 -19.63
C VAL A 93 -2.76 13.46 -18.40
N MET A 94 -2.58 12.85 -17.22
CA MET A 94 -2.67 13.61 -15.99
C MET A 94 -1.61 13.16 -15.01
N GLU A 95 -1.50 13.88 -13.89
CA GLU A 95 -0.73 13.46 -12.74
C GLU A 95 -1.12 12.06 -12.28
N TYR A 96 -0.13 11.32 -11.80
CA TYR A 96 -0.37 10.00 -11.19
C TYR A 96 0.15 9.95 -9.78
N ALA A 97 -0.76 9.66 -8.84
CA ALA A 97 -0.45 9.42 -7.42
C ALA A 97 0.11 8.01 -7.24
N SER A 98 1.42 7.95 -7.04
CA SER A 98 2.15 6.70 -6.99
C SER A 98 2.27 6.15 -5.57
N GLY A 99 1.64 6.84 -4.62
CA GLY A 99 1.73 6.48 -3.23
C GLY A 99 0.62 5.55 -2.78
N GLY A 100 -0.32 5.28 -3.69
CA GLY A 100 -1.44 4.39 -3.42
C GLY A 100 -2.55 5.06 -2.66
N GLU A 101 -3.52 4.28 -2.19
CA GLU A 101 -4.64 4.84 -1.45
C GLU A 101 -4.29 5.19 -0.01
N LEU A 102 -4.78 6.35 0.42
CA LEU A 102 -4.79 6.74 1.83
C LEU A 102 -5.34 5.66 2.79
N PHE A 103 -6.35 4.91 2.32
CA PHE A 103 -6.93 3.85 3.10
C PHE A 103 -5.92 2.72 3.40
N GLU A 104 -5.07 2.47 2.43
CA GLU A 104 -4.14 1.39 2.52
C GLU A 104 -3.09 1.74 3.56
N ARG A 105 -2.75 3.02 3.62
CA ARG A 105 -1.80 3.54 4.58
C ARG A 105 -2.38 3.51 5.99
N ILE A 106 -3.66 3.86 6.13
CA ILE A 106 -4.37 3.62 7.37
C ILE A 106 -4.30 2.16 7.80
N CYS A 107 -4.67 1.23 6.94
CA CYS A 107 -4.65 -0.19 7.30
C CYS A 107 -3.27 -0.68 7.74
N ASN A 108 -2.29 -0.27 6.97
CA ASN A 108 -0.89 -0.49 7.32
C ASN A 108 -0.50 0.06 8.70
N ALA A 109 -1.05 1.22 9.07
CA ALA A 109 -0.78 1.84 10.37
C ALA A 109 -1.60 1.25 11.53
N GLY A 110 -2.68 0.54 11.24
CA GLY A 110 -3.68 0.26 12.24
C GLY A 110 -4.63 1.43 12.40
N ARG A 111 -4.09 2.55 12.87
CA ARG A 111 -4.73 3.86 12.86
C ARG A 111 -3.68 4.97 12.97
N PHE A 112 -4.07 6.22 12.76
CA PHE A 112 -3.11 7.32 12.79
C PHE A 112 -3.15 7.99 14.13
N SER A 113 -2.06 8.67 14.44
CA SER A 113 -2.03 9.52 15.58
C SER A 113 -2.88 10.72 15.20
N GLU A 114 -3.34 11.45 16.20
CA GLU A 114 -4.20 12.59 15.97
C GLU A 114 -3.48 13.64 15.16
N ASP A 115 -2.16 13.70 15.31
CA ASP A 115 -1.37 14.66 14.56
C ASP A 115 -1.21 14.33 13.08
N GLU A 116 -1.01 13.05 12.77
CA GLU A 116 -0.94 12.57 11.40
C GLU A 116 -2.30 12.70 10.70
N ALA A 117 -3.34 12.26 11.38
CA ALA A 117 -4.72 12.48 10.92
C ALA A 117 -5.01 13.98 10.65
N ARG A 118 -4.53 14.87 11.51
CA ARG A 118 -4.68 16.30 11.27
C ARG A 118 -3.85 16.76 10.06
N PHE A 119 -2.68 16.16 9.88
CA PHE A 119 -1.82 16.53 8.77
C PHE A 119 -2.49 16.23 7.45
N PHE A 120 -3.13 15.08 7.34
CA PHE A 120 -3.78 14.76 6.07
C PHE A 120 -5.11 15.50 5.92
N PHE A 121 -5.86 15.58 7.01
CA PHE A 121 -7.13 16.25 7.01
C PHE A 121 -7.04 17.72 6.60
N GLN A 122 -5.95 18.36 7.00
CA GLN A 122 -5.67 19.72 6.56
C GLN A 122 -5.64 19.84 5.03
N GLN A 123 -4.82 19.01 4.39
CA GLN A 123 -4.76 18.90 2.94
C GLN A 123 -6.12 18.60 2.30
N LEU A 124 -6.84 17.65 2.88
CA LEU A 124 -8.20 17.33 2.47
C LEU A 124 -9.09 18.56 2.36
N ILE A 125 -9.14 19.33 3.44
CA ILE A 125 -10.00 20.49 3.48
C ILE A 125 -9.53 21.56 2.51
N SER A 126 -8.21 21.73 2.40
CA SER A 126 -7.66 22.68 1.46
C SER A 126 -8.15 22.39 0.03
N GLY A 127 -7.96 21.16 -0.41
CA GLY A 127 -8.41 20.74 -1.73
C GLY A 127 -9.92 20.80 -1.96
N VAL A 128 -10.71 20.36 -0.97
CA VAL A 128 -12.17 20.41 -1.11
C VAL A 128 -12.69 21.85 -1.20
N SER A 129 -12.21 22.70 -0.28
CA SER A 129 -12.45 24.13 -0.29
C SER A 129 -12.19 24.74 -1.69
N TYR A 130 -11.00 24.49 -2.21
CA TYR A 130 -10.64 24.97 -3.54
C TYR A 130 -11.59 24.49 -4.63
N CYS A 131 -11.91 23.19 -4.62
CA CYS A 131 -12.82 22.61 -5.59
C CYS A 131 -14.21 23.19 -5.51
N HIS A 132 -14.65 23.53 -4.31
CA HIS A 132 -15.95 24.11 -4.11
C HIS A 132 -16.00 25.50 -4.71
N ALA A 133 -14.95 26.28 -4.43
CA ALA A 133 -14.80 27.61 -5.00
C ALA A 133 -14.86 27.61 -6.53
N MET A 134 -14.47 26.48 -7.13
CA MET A 134 -14.55 26.29 -8.56
C MET A 134 -15.87 25.63 -9.02
N GLN A 135 -16.80 25.49 -8.08
CA GLN A 135 -18.09 24.83 -8.28
C GLN A 135 -17.90 23.39 -8.74
N VAL A 136 -17.01 22.68 -8.05
CA VAL A 136 -16.82 21.25 -8.26
C VAL A 136 -17.16 20.55 -6.94
N CYS A 137 -18.39 20.05 -6.83
CA CYS A 137 -18.82 19.43 -5.58
C CYS A 137 -18.96 17.94 -5.79
N HIS A 138 -19.03 17.26 -4.65
CA HIS A 138 -19.81 16.06 -4.54
C HIS A 138 -19.35 14.96 -5.50
N ARG A 139 -20.16 14.67 -6.52
CA ARG A 139 -19.87 13.56 -7.40
C ARG A 139 -18.73 13.83 -8.36
N ASP A 140 -18.27 15.09 -8.42
CA ASP A 140 -17.11 15.40 -9.24
C ASP A 140 -15.85 14.97 -8.51
N LEU A 141 -15.96 14.83 -7.19
CA LEU A 141 -14.83 14.45 -6.34
C LEU A 141 -14.91 13.00 -5.89
N LYS A 142 -13.83 12.24 -6.01
CA LYS A 142 -13.84 10.88 -5.49
C LYS A 142 -13.23 10.89 -4.07
N LEU A 143 -14.05 11.39 -3.15
CA LEU A 143 -13.65 11.70 -1.79
C LEU A 143 -13.57 10.49 -0.88
N GLU A 144 -14.14 9.37 -1.34
CA GLU A 144 -14.12 8.06 -0.70
C GLU A 144 -12.86 7.27 -1.01
N ASN A 145 -12.06 7.77 -1.95
CA ASN A 145 -10.83 7.07 -2.30
C ASN A 145 -9.66 7.99 -2.64
N THR A 146 -9.33 8.88 -1.73
CA THR A 146 -8.18 9.72 -1.92
C THR A 146 -6.86 8.95 -1.88
N LEU A 147 -5.82 9.59 -2.41
CA LEU A 147 -4.57 8.93 -2.69
C LEU A 147 -3.40 9.76 -2.20
N LEU A 148 -2.21 9.15 -2.26
CA LEU A 148 -0.98 9.83 -1.93
C LEU A 148 -0.02 9.92 -3.14
N ASP A 149 0.71 11.03 -3.24
CA ASP A 149 1.86 11.04 -4.16
C ASP A 149 3.00 10.14 -3.66
N GLY A 150 4.07 10.07 -4.43
CA GLY A 150 5.24 9.31 -4.04
C GLY A 150 6.16 9.94 -3.01
N SER A 151 5.86 11.17 -2.60
CA SER A 151 6.66 11.88 -1.60
C SER A 151 6.91 11.01 -0.38
N PRO A 152 8.17 10.98 0.07
CA PRO A 152 8.53 10.34 1.33
C PRO A 152 7.65 10.90 2.44
N ALA A 153 7.30 12.18 2.34
CA ALA A 153 6.29 12.77 3.24
C ALA A 153 5.01 13.03 2.46
N PRO A 154 4.18 11.98 2.28
CA PRO A 154 3.15 11.95 1.26
C PRO A 154 2.21 13.12 1.27
N ARG A 155 1.93 13.61 0.07
CA ARG A 155 0.89 14.60 -0.16
C ARG A 155 -0.37 13.90 -0.58
N LEU A 156 -1.47 14.32 0.06
CA LEU A 156 -2.81 13.90 -0.31
C LEU A 156 -3.20 14.34 -1.74
N LYS A 157 -3.85 13.44 -2.47
CA LYS A 157 -4.21 13.69 -3.87
C LYS A 157 -5.65 13.23 -4.13
N ILE A 158 -6.51 14.19 -4.48
CA ILE A 158 -7.91 13.90 -4.74
C ILE A 158 -8.20 13.84 -6.23
N CYS A 159 -8.84 12.75 -6.67
CA CYS A 159 -9.26 12.60 -8.05
C CYS A 159 -10.53 13.42 -8.32
N ALA A 160 -10.47 14.35 -9.28
CA ALA A 160 -11.65 15.06 -9.75
C ALA A 160 -12.00 14.66 -11.19
N PHE A 161 -13.23 14.18 -11.41
CA PHE A 161 -13.67 13.74 -12.73
C PHE A 161 -13.02 12.41 -13.04
N GLY A 162 -13.84 11.44 -13.45
CA GLY A 162 -13.38 10.07 -13.55
C GLY A 162 -13.30 9.46 -14.94
N TYR A 163 -14.07 9.99 -15.89
CA TYR A 163 -14.14 9.42 -17.23
C TYR A 163 -14.50 7.93 -17.18
N GLY A 178 -18.54 1.78 -3.24
CA GLY A 178 -18.04 1.15 -2.03
C GLY A 178 -18.91 1.22 -0.78
N THR A 179 -18.28 1.63 0.34
CA THR A 179 -18.97 1.78 1.62
C THR A 179 -20.02 2.90 1.59
N PRO A 180 -21.26 2.58 1.96
CA PRO A 180 -22.25 3.63 2.10
C PRO A 180 -21.90 4.57 3.26
N ALA A 181 -20.86 4.27 4.03
CA ALA A 181 -20.42 5.17 5.11
C ALA A 181 -20.26 6.61 4.69
N TYR A 182 -19.72 6.82 3.49
CA TYR A 182 -19.50 8.19 2.99
C TYR A 182 -20.76 8.99 2.65
N ILE A 183 -21.87 8.29 2.41
CA ILE A 183 -23.10 8.95 2.03
C ILE A 183 -23.76 9.63 3.22
N ALA A 184 -24.12 10.90 3.02
CA ALA A 184 -24.75 11.72 4.05
C ALA A 184 -26.25 11.42 4.18
N PRO A 185 -26.80 11.55 5.40
CA PRO A 185 -28.22 11.17 5.56
C PRO A 185 -29.18 11.84 4.54
N GLU A 186 -28.94 13.11 4.25
CA GLU A 186 -29.78 13.85 3.32
C GLU A 186 -29.67 13.32 1.89
N VAL A 187 -28.47 12.94 1.47
CA VAL A 187 -28.28 12.32 0.16
C VAL A 187 -29.09 11.02 0.02
N LEU A 188 -29.30 10.32 1.11
CA LEU A 188 -30.13 9.12 1.09
C LEU A 188 -31.63 9.46 1.09
N LEU A 189 -31.99 10.52 1.83
CA LEU A 189 -33.38 10.79 2.14
C LEU A 189 -34.04 11.86 1.33
N LYS A 190 -33.45 13.05 1.29
CA LYS A 190 -34.08 14.21 0.67
C LYS A 190 -33.96 14.16 -0.86
N LYS A 191 -34.78 14.98 -1.52
CA LYS A 191 -34.86 15.03 -2.98
C LYS A 191 -33.89 16.08 -3.48
N GLU A 192 -33.95 17.23 -2.84
CA GLU A 192 -33.01 18.30 -3.04
C GLU A 192 -31.97 18.24 -1.93
N TYR A 193 -30.68 18.34 -2.28
CA TYR A 193 -29.62 18.58 -1.28
C TYR A 193 -28.47 19.36 -1.88
N ASP A 194 -27.73 20.02 -1.01
CA ASP A 194 -26.46 20.68 -1.31
C ASP A 194 -25.30 19.68 -1.31
N GLY A 195 -24.60 19.56 -2.44
CA GLY A 195 -23.48 18.65 -2.56
C GLY A 195 -22.26 19.00 -1.73
N LYS A 196 -22.08 20.29 -1.49
CA LYS A 196 -20.98 20.76 -0.66
C LYS A 196 -21.09 20.28 0.80
N VAL A 197 -22.28 20.37 1.36
CA VAL A 197 -22.55 19.92 2.73
C VAL A 197 -22.34 18.40 2.84
N ALA A 198 -22.89 17.69 1.86
CA ALA A 198 -22.68 16.25 1.75
C ALA A 198 -21.20 15.93 1.79
N ASP A 199 -20.44 16.67 1.00
CA ASP A 199 -18.99 16.58 1.04
C ASP A 199 -18.40 16.73 2.45
N VAL A 200 -18.87 17.73 3.21
CA VAL A 200 -18.43 17.85 4.59
C VAL A 200 -18.60 16.50 5.35
N TRP A 201 -19.79 15.91 5.22
CA TRP A 201 -20.05 14.61 5.87
C TRP A 201 -18.97 13.58 5.49
N SER A 202 -18.79 13.44 4.19
CA SER A 202 -17.76 12.58 3.62
C SER A 202 -16.39 12.78 4.30
N CYS A 203 -15.98 14.03 4.44
CA CYS A 203 -14.68 14.35 5.03
C CYS A 203 -14.61 13.90 6.47
N GLY A 204 -15.73 14.06 7.18
CA GLY A 204 -15.86 13.50 8.50
C GLY A 204 -15.60 12.00 8.52
N VAL A 205 -16.20 11.25 7.60
CA VAL A 205 -15.93 9.82 7.47
C VAL A 205 -14.44 9.51 7.38
N THR A 206 -13.78 10.28 6.50
CA THR A 206 -12.35 10.10 6.30
C THR A 206 -11.51 10.37 7.54
N LEU A 207 -11.81 11.47 8.21
CA LEU A 207 -11.21 11.78 9.49
C LEU A 207 -11.37 10.62 10.53
N TYR A 208 -12.62 10.26 10.80
CA TYR A 208 -12.93 9.12 11.64
C TYR A 208 -12.06 7.91 11.33
N VAL A 209 -12.12 7.42 10.09
CA VAL A 209 -11.42 6.21 9.70
C VAL A 209 -9.92 6.33 9.90
N MET A 210 -9.36 7.50 9.65
CA MET A 210 -7.96 7.76 9.97
C MET A 210 -7.65 7.57 11.47
N LEU A 211 -8.53 8.08 12.31
CA LEU A 211 -8.34 8.04 13.74
C LEU A 211 -8.64 6.68 14.42
N VAL A 212 -9.57 5.94 13.84
CA VAL A 212 -10.13 4.76 14.47
C VAL A 212 -9.62 3.51 13.75
N GLY A 213 -9.32 3.67 12.47
CA GLY A 213 -8.86 2.58 11.64
C GLY A 213 -9.99 1.75 11.10
N ALA A 214 -11.21 2.21 11.32
CA ALA A 214 -12.39 1.59 10.76
C ALA A 214 -13.42 2.67 10.43
N TYR A 215 -14.36 2.31 9.55
CA TYR A 215 -15.44 3.21 9.12
C TYR A 215 -16.46 3.36 10.23
N PRO A 216 -17.05 4.55 10.34
CA PRO A 216 -18.12 4.74 11.34
C PRO A 216 -19.41 4.09 10.84
N PHE A 217 -20.42 3.91 11.69
CA PHE A 217 -21.71 3.44 11.18
C PHE A 217 -21.66 1.98 10.70
N GLU A 218 -20.77 1.69 9.76
CA GLU A 218 -20.57 0.32 9.33
C GLU A 218 -20.18 -0.58 10.50
N ASP A 219 -20.94 -1.66 10.69
CA ASP A 219 -20.55 -2.71 11.62
C ASP A 219 -19.38 -3.48 11.00
N PRO A 220 -18.24 -3.51 11.70
CA PRO A 220 -17.01 -4.08 11.12
C PRO A 220 -17.13 -5.59 10.88
N GLU A 221 -17.96 -6.25 11.69
CA GLU A 221 -18.18 -7.69 11.59
C GLU A 221 -19.28 -7.96 10.56
N GLU A 222 -20.03 -6.92 10.22
CA GLU A 222 -21.05 -7.03 9.19
C GLU A 222 -20.95 -5.88 8.19
N PRO A 223 -19.87 -5.85 7.42
CA PRO A 223 -19.63 -4.75 6.50
C PRO A 223 -20.56 -4.77 5.30
N LYS A 224 -21.06 -5.96 4.95
CA LYS A 224 -21.95 -6.10 3.82
C LYS A 224 -23.40 -5.99 4.25
N ASN A 225 -23.61 -5.64 5.51
CA ASN A 225 -24.95 -5.38 5.99
C ASN A 225 -25.30 -3.90 5.82
N PHE A 226 -25.60 -3.56 4.57
CA PHE A 226 -25.91 -2.20 4.15
C PHE A 226 -27.18 -1.65 4.80
N ARG A 227 -28.13 -2.52 5.08
CA ARG A 227 -29.32 -2.14 5.86
C ARG A 227 -28.93 -1.51 7.20
N LYS A 228 -28.30 -2.33 8.04
CA LYS A 228 -27.86 -1.92 9.37
C LYS A 228 -26.98 -0.66 9.30
N THR A 229 -25.98 -0.71 8.43
CA THR A 229 -25.16 0.46 8.13
C THR A 229 -26.02 1.72 7.90
N ILE A 230 -26.87 1.68 6.89
CA ILE A 230 -27.75 2.80 6.58
C ILE A 230 -28.57 3.31 7.77
N HIS A 231 -29.16 2.37 8.48
CA HIS A 231 -29.82 2.66 9.73
C HIS A 231 -28.93 3.56 10.60
N ARG A 232 -27.72 3.07 10.92
CA ARG A 232 -26.82 3.84 11.78
C ARG A 232 -26.44 5.20 11.21
N ILE A 233 -26.35 5.31 9.89
CA ILE A 233 -26.12 6.60 9.23
C ILE A 233 -27.27 7.59 9.48
N LEU A 234 -28.49 7.12 9.26
CA LEU A 234 -29.68 7.94 9.43
C LEU A 234 -29.86 8.43 10.86
N ASN A 235 -29.45 7.62 11.82
CA ASN A 235 -29.58 7.93 13.23
C ASN A 235 -28.27 8.36 13.84
N VAL A 236 -27.31 8.59 12.95
CA VAL A 236 -26.00 9.11 13.32
C VAL A 236 -25.39 8.34 14.49
N GLN A 237 -25.54 7.02 14.48
CA GLN A 237 -25.03 6.18 15.55
C GLN A 237 -23.58 5.82 15.30
N TYR A 238 -22.67 6.53 15.96
CA TYR A 238 -21.27 6.18 15.93
C TYR A 238 -20.72 6.20 17.35
N ALA A 239 -19.57 5.56 17.55
CA ALA A 239 -18.99 5.40 18.86
C ALA A 239 -17.47 5.25 18.78
N ILE A 240 -16.75 6.33 19.06
CA ILE A 240 -15.30 6.27 19.20
C ILE A 240 -14.85 5.27 20.27
N PRO A 241 -14.14 4.20 19.84
CA PRO A 241 -13.64 3.15 20.72
C PRO A 241 -12.93 3.68 21.96
N ASP A 242 -13.11 2.95 23.05
CA ASP A 242 -12.54 3.33 24.34
C ASP A 242 -11.02 3.45 24.27
N TYR A 243 -10.39 2.60 23.47
CA TYR A 243 -8.93 2.61 23.39
C TYR A 243 -8.39 3.64 22.43
N VAL A 244 -9.28 4.30 21.72
CA VAL A 244 -8.90 5.45 20.91
C VAL A 244 -9.08 6.73 21.73
N HIS A 245 -8.00 7.47 21.87
CA HIS A 245 -8.05 8.67 22.69
C HIS A 245 -7.71 9.91 21.89
N ILE A 246 -8.68 10.81 21.78
CA ILE A 246 -8.49 12.02 21.00
C ILE A 246 -8.81 13.26 21.82
N SER A 247 -8.14 14.35 21.50
CA SER A 247 -8.41 15.62 22.15
C SER A 247 -9.90 15.91 22.13
N PRO A 248 -10.36 16.73 23.08
CA PRO A 248 -11.76 17.16 23.14
C PRO A 248 -12.14 18.04 21.93
N GLU A 249 -11.20 18.83 21.44
CA GLU A 249 -11.35 19.63 20.21
C GLU A 249 -11.71 18.77 19.00
N CYS A 250 -10.91 17.73 18.81
CA CYS A 250 -11.11 16.73 17.78
C CYS A 250 -12.48 16.09 17.88
N ARG A 251 -12.81 15.59 19.06
CA ARG A 251 -14.09 14.96 19.31
C ARG A 251 -15.28 15.90 19.00
N HIS A 252 -15.12 17.16 19.40
CA HIS A 252 -16.07 18.21 19.07
C HIS A 252 -16.27 18.37 17.56
N LEU A 253 -15.19 18.61 16.85
CA LEU A 253 -15.23 18.71 15.39
C LEU A 253 -16.01 17.54 14.77
N ILE A 254 -15.62 16.33 15.10
CA ILE A 254 -16.36 15.18 14.64
C ILE A 254 -17.85 15.25 14.97
N SER A 255 -18.21 15.67 16.19
CA SER A 255 -19.62 15.78 16.59
C SER A 255 -20.38 16.83 15.75
N ARG A 256 -19.61 17.81 15.28
CA ARG A 256 -20.11 18.92 14.48
C ARG A 256 -20.27 18.55 13.01
N ILE A 257 -19.52 17.55 12.55
CA ILE A 257 -19.67 17.10 11.19
C ILE A 257 -20.78 16.05 11.12
N PHE A 258 -20.76 15.10 12.03
CA PHE A 258 -21.75 14.03 12.02
C PHE A 258 -23.09 14.52 12.53
N VAL A 259 -23.67 15.50 11.83
CA VAL A 259 -25.00 16.04 12.11
C VAL A 259 -25.92 15.70 10.96
N ALA A 260 -27.02 15.01 11.26
CA ALA A 260 -27.96 14.54 10.23
C ALA A 260 -28.61 15.67 9.40
N ASP A 261 -29.01 16.72 10.09
CA ASP A 261 -29.53 17.90 9.43
C ASP A 261 -28.41 18.70 8.73
N PRO A 262 -28.42 18.73 7.40
CA PRO A 262 -27.44 19.50 6.63
C PRO A 262 -27.43 20.97 7.02
N ALA A 263 -28.56 21.49 7.46
CA ALA A 263 -28.66 22.88 7.81
C ALA A 263 -27.77 23.17 9.01
N LYS A 264 -27.64 22.18 9.88
CA LYS A 264 -26.93 22.35 11.12
C LYS A 264 -25.48 21.82 11.10
N ARG A 265 -25.10 21.13 10.03
CA ARG A 265 -23.75 20.62 9.89
C ARG A 265 -22.73 21.74 9.75
N ILE A 266 -21.58 21.59 10.40
CA ILE A 266 -20.49 22.55 10.26
C ILE A 266 -20.12 22.71 8.80
N SER A 267 -19.75 23.93 8.42
CA SER A 267 -19.49 24.23 7.02
C SER A 267 -17.98 24.22 6.83
N ILE A 268 -17.53 24.20 5.58
CA ILE A 268 -16.09 24.17 5.29
C ILE A 268 -15.35 25.34 5.92
N PRO A 269 -15.85 26.58 5.75
CA PRO A 269 -15.19 27.75 6.32
C PRO A 269 -15.14 27.66 7.84
N GLU A 270 -16.27 27.25 8.41
CA GLU A 270 -16.31 27.01 9.84
C GLU A 270 -15.19 26.07 10.31
N ILE A 271 -14.98 24.99 9.56
CA ILE A 271 -13.90 24.06 9.82
C ILE A 271 -12.54 24.74 9.67
N ARG A 272 -12.42 25.54 8.62
CA ARG A 272 -11.18 26.27 8.36
C ARG A 272 -10.80 27.14 9.55
N ASN A 273 -11.81 27.51 10.35
CA ASN A 273 -11.54 28.29 11.56
C ASN A 273 -11.60 27.52 12.87
N HIS A 274 -11.75 26.20 12.81
CA HIS A 274 -11.85 25.40 14.02
C HIS A 274 -10.48 25.17 14.62
N GLU A 275 -10.43 25.13 15.95
CA GLU A 275 -9.15 25.12 16.67
C GLU A 275 -8.29 23.90 16.34
N TRP A 276 -8.92 22.73 16.25
CA TRP A 276 -8.23 21.51 15.87
C TRP A 276 -7.60 21.64 14.49
N PHE A 277 -8.34 22.26 13.57
CA PHE A 277 -7.91 22.41 12.20
C PHE A 277 -6.67 23.31 12.11
N LEU A 278 -6.65 24.34 12.95
CA LEU A 278 -5.66 25.39 12.85
C LEU A 278 -4.31 25.00 13.44
N LYS A 279 -4.33 24.06 14.37
CA LYS A 279 -3.11 23.58 14.99
C LYS A 279 -2.06 23.05 14.00
N ASN A 280 -0.86 23.62 14.07
CA ASN A 280 0.24 23.25 13.19
C ASN A 280 -0.09 23.43 11.72
N LEU A 281 -1.11 24.21 11.42
CA LEU A 281 -1.50 24.43 10.03
C LEU A 281 -0.43 25.20 9.28
N PRO A 282 0.17 24.57 8.25
CA PRO A 282 1.08 25.25 7.33
C PRO A 282 0.36 26.43 6.66
N ALA A 283 1.04 27.55 6.48
CA ALA A 283 0.39 28.75 5.93
C ALA A 283 0.12 28.72 4.42
N ASP A 284 0.90 27.92 3.69
CA ASP A 284 0.67 27.73 2.27
C ASP A 284 -0.76 27.30 1.97
N LEU A 285 -1.46 26.78 2.98
CA LEU A 285 -2.84 26.32 2.83
C LEU A 285 -3.82 27.38 3.32
N PRO A 301 2.46 27.02 -17.17
CA PRO A 301 2.87 26.48 -18.48
C PRO A 301 1.92 25.41 -19.03
N GLY A 302 0.62 25.54 -18.75
CA GLY A 302 -0.35 24.57 -19.19
C GLY A 302 -0.53 24.46 -20.70
N GLN A 303 -1.31 23.48 -21.14
CA GLN A 303 -1.62 23.34 -22.57
C GLN A 303 -2.79 24.23 -22.98
N SER A 304 -2.68 24.91 -24.14
CA SER A 304 -3.64 25.95 -24.53
C SER A 304 -5.06 25.43 -24.72
N ILE A 305 -6.02 26.25 -24.32
CA ILE A 305 -7.41 25.83 -24.39
C ILE A 305 -7.77 25.49 -25.81
N GLU A 306 -7.16 26.20 -26.75
CA GLU A 306 -7.42 26.02 -28.17
C GLU A 306 -6.98 24.66 -28.69
N GLU A 307 -5.71 24.32 -28.43
CA GLU A 307 -5.20 23.00 -28.76
C GLU A 307 -6.18 21.95 -28.28
N ILE A 308 -6.52 22.05 -27.00
CA ILE A 308 -7.44 21.11 -26.36
C ILE A 308 -8.78 20.97 -27.07
N MET A 309 -9.52 22.08 -27.19
CA MET A 309 -10.82 22.06 -27.83
C MET A 309 -10.73 21.54 -29.27
N GLN A 310 -9.66 21.97 -29.95
CA GLN A 310 -9.35 21.56 -31.31
C GLN A 310 -9.33 20.05 -31.40
N ILE A 311 -8.51 19.44 -30.51
CA ILE A 311 -8.32 17.99 -30.46
C ILE A 311 -9.53 17.19 -30.02
N ILE A 312 -10.28 17.71 -29.06
CA ILE A 312 -11.52 17.04 -28.65
C ILE A 312 -12.46 17.01 -29.85
N ALA A 313 -12.50 18.11 -30.59
CA ALA A 313 -13.28 18.18 -31.81
C ALA A 313 -12.80 17.16 -32.86
N GLU A 314 -11.51 17.19 -33.21
CA GLU A 314 -10.95 16.25 -34.20
C GLU A 314 -11.22 14.77 -33.87
N ALA A 315 -10.99 14.39 -32.61
CA ALA A 315 -11.22 13.01 -32.20
C ALA A 315 -12.71 12.67 -32.10
N THR A 316 -13.55 13.48 -32.74
CA THR A 316 -14.97 13.14 -32.80
C THR A 316 -15.21 12.19 -33.96
N VAL A 317 -14.23 12.10 -34.86
CA VAL A 317 -14.34 11.29 -36.06
C VAL A 317 -13.51 10.00 -36.04
N PRO A 318 -14.20 8.85 -36.17
CA PRO A 318 -13.55 7.55 -36.01
C PRO A 318 -12.90 6.92 -37.22
N PRO A 319 -11.58 7.06 -37.36
CA PRO A 319 -10.97 5.91 -38.03
C PRO A 319 -11.07 4.74 -37.06
N LEU B 12 -9.46 -13.11 20.63
CA LEU B 12 -8.17 -12.52 20.95
C LEU B 12 -8.19 -11.91 22.37
N PRO B 13 -7.20 -12.29 23.22
CA PRO B 13 -7.15 -12.01 24.66
C PRO B 13 -6.90 -10.55 24.97
N ILE B 14 -7.50 -10.04 26.05
CA ILE B 14 -7.57 -8.59 26.25
C ILE B 14 -6.26 -7.88 26.64
N MET B 15 -6.38 -6.56 26.74
CA MET B 15 -5.24 -5.63 26.69
C MET B 15 -4.40 -5.53 27.97
N HIS B 16 -3.11 -5.77 27.81
CA HIS B 16 -2.19 -6.03 28.92
C HIS B 16 -0.98 -5.10 28.95
N ASP B 17 -0.59 -4.69 30.15
CA ASP B 17 0.57 -3.82 30.33
C ASP B 17 0.33 -2.44 29.77
N SER B 18 -0.85 -1.91 30.06
CA SER B 18 -1.22 -0.54 29.70
C SER B 18 -0.08 0.43 30.00
N ASP B 19 0.74 0.08 31.00
CA ASP B 19 1.89 0.88 31.40
C ASP B 19 2.97 0.94 30.30
N ARG B 20 3.13 -0.16 29.55
CA ARG B 20 4.14 -0.22 28.50
C ARG B 20 3.61 -0.01 27.07
N TYR B 21 2.54 -0.72 26.75
CA TYR B 21 2.02 -0.76 25.39
C TYR B 21 0.62 -0.21 25.28
N GLU B 22 0.37 0.56 24.23
CA GLU B 22 -0.98 0.99 23.89
C GLU B 22 -1.57 0.10 22.81
N LEU B 23 -2.81 -0.33 23.00
CA LEU B 23 -3.48 -1.05 21.93
C LEU B 23 -3.74 -0.07 20.79
N VAL B 24 -3.10 -0.32 19.66
CA VAL B 24 -3.38 0.40 18.44
C VAL B 24 -4.59 -0.16 17.69
N LYS B 25 -4.59 -1.47 17.43
CA LYS B 25 -5.61 -2.06 16.56
C LYS B 25 -5.45 -3.55 16.49
N ASP B 26 -6.53 -4.29 16.66
CA ASP B 26 -6.47 -5.72 16.43
C ASP B 26 -6.56 -6.05 14.95
N ILE B 27 -5.56 -6.73 14.40
CA ILE B 27 -5.63 -7.14 12.99
C ILE B 27 -5.72 -8.64 12.82
N GLY B 28 -6.05 -9.08 11.63
CA GLY B 28 -6.22 -10.50 11.41
C GLY B 28 -6.06 -11.01 9.98
N SER B 29 -5.34 -10.27 9.14
CA SER B 29 -5.24 -10.65 7.75
C SER B 29 -4.02 -10.08 7.01
N GLY B 30 -2.83 -10.42 7.51
CA GLY B 30 -1.60 -10.16 6.81
C GLY B 30 -0.77 -11.42 6.82
N ASN B 31 0.54 -11.25 6.99
CA ASN B 31 1.44 -12.38 7.23
C ASN B 31 2.03 -12.27 8.63
N PHE B 32 1.72 -11.16 9.29
CA PHE B 32 1.89 -11.07 10.73
C PHE B 32 0.76 -11.86 11.40
N GLY B 33 -0.08 -12.46 10.54
CA GLY B 33 -1.14 -13.39 10.95
C GLY B 33 -2.37 -12.71 11.51
N VAL B 34 -2.99 -13.39 12.48
CA VAL B 34 -3.97 -12.77 13.36
C VAL B 34 -3.14 -12.22 14.50
N ALA B 35 -3.21 -10.92 14.75
CA ALA B 35 -2.32 -10.31 15.73
C ALA B 35 -2.89 -9.08 16.38
N ARG B 36 -2.19 -8.60 17.39
CA ARG B 36 -2.51 -7.32 18.00
C ARG B 36 -1.44 -6.26 17.68
N LEU B 37 -1.93 -5.11 17.24
CA LEU B 37 -1.06 -4.02 16.88
C LEU B 37 -1.00 -3.01 18.02
N MET B 38 0.21 -2.76 18.51
CA MET B 38 0.42 -2.01 19.76
C MET B 38 1.57 -1.02 19.65
N ARG B 39 1.46 0.13 20.31
CA ARG B 39 2.59 1.07 20.41
C ARG B 39 3.27 0.99 21.76
N ASP B 40 4.60 0.98 21.75
CA ASP B 40 5.40 1.09 22.97
C ASP B 40 5.43 2.55 23.45
N LYS B 41 4.84 2.79 24.61
CA LYS B 41 4.61 4.14 25.07
C LYS B 41 5.88 4.88 25.44
N GLN B 42 7.04 4.32 25.06
CA GLN B 42 8.32 4.96 25.34
C GLN B 42 9.07 5.22 24.04
N SER B 43 9.18 4.19 23.21
CA SER B 43 9.81 4.32 21.90
C SER B 43 8.81 4.86 20.88
N ASN B 44 7.54 4.86 21.27
CA ASN B 44 6.46 4.99 20.30
C ASN B 44 6.57 3.94 19.21
N GLU B 45 7.42 2.95 19.42
CA GLU B 45 7.59 1.88 18.44
C GLU B 45 6.32 1.05 18.22
N LEU B 46 6.04 0.77 16.94
CA LEU B 46 4.95 -0.13 16.59
C LEU B 46 5.37 -1.59 16.63
N VAL B 47 4.53 -2.40 17.26
CA VAL B 47 4.84 -3.79 17.43
C VAL B 47 3.62 -4.67 17.23
N ALA B 48 3.90 -5.89 16.79
CA ALA B 48 2.89 -6.92 16.57
C ALA B 48 2.95 -7.89 17.74
N VAL B 49 1.81 -8.44 18.15
CA VAL B 49 1.70 -9.37 19.26
C VAL B 49 0.81 -10.56 18.92
N LYS B 50 1.43 -11.72 18.75
CA LYS B 50 0.72 -12.98 18.54
C LYS B 50 0.33 -13.66 19.86
N TYR B 51 -0.50 -14.70 19.81
CA TYR B 51 -0.95 -15.35 21.03
C TYR B 51 -1.20 -16.86 20.81
N ILE B 52 -0.81 -17.67 21.79
CA ILE B 52 -1.03 -19.11 21.76
C ILE B 52 -1.56 -19.52 23.13
N GLU B 53 -2.84 -19.89 23.24
CA GLU B 53 -3.38 -20.34 24.53
C GLU B 53 -2.36 -21.06 25.42
N ARG B 54 -2.40 -20.78 26.73
CA ARG B 54 -1.60 -21.54 27.68
C ARG B 54 -2.08 -23.00 27.76
N GLY B 55 -1.16 -23.94 27.88
CA GLY B 55 -1.54 -25.34 28.00
C GLY B 55 -0.67 -26.25 27.17
N GLU B 56 -1.32 -27.19 26.47
CA GLU B 56 -0.61 -28.21 25.71
C GLU B 56 0.14 -27.65 24.49
N LYS B 57 -0.29 -26.48 24.04
CA LYS B 57 0.32 -25.84 22.89
C LYS B 57 1.76 -25.40 23.17
N ILE B 58 1.98 -24.83 24.36
CA ILE B 58 3.31 -24.38 24.75
C ILE B 58 4.31 -25.53 24.69
N ASP B 59 4.57 -26.03 23.50
CA ASP B 59 5.40 -27.23 23.35
C ASP B 59 6.87 -26.93 23.05
N GLU B 60 7.55 -27.94 22.50
CA GLU B 60 8.97 -27.87 22.21
C GLU B 60 9.28 -27.10 20.93
N ASN B 61 8.46 -27.30 19.92
CA ASN B 61 8.70 -26.69 18.62
C ASN B 61 8.45 -25.19 18.65
N VAL B 62 7.50 -24.78 19.49
CA VAL B 62 7.30 -23.38 19.85
C VAL B 62 8.57 -22.82 20.48
N LYS B 63 8.92 -23.32 21.65
CA LYS B 63 10.10 -22.88 22.39
C LYS B 63 11.27 -22.77 21.42
N ARG B 64 11.35 -23.77 20.55
CA ARG B 64 12.30 -23.80 19.47
C ARG B 64 12.19 -22.50 18.70
N GLU B 65 11.10 -22.33 17.96
CA GLU B 65 10.89 -21.12 17.19
C GLU B 65 11.27 -19.87 17.97
N ILE B 66 10.87 -19.76 19.23
CA ILE B 66 11.11 -18.54 19.97
C ILE B 66 12.61 -18.30 20.10
N ILE B 67 13.33 -19.30 20.59
CA ILE B 67 14.76 -19.16 20.81
C ILE B 67 15.47 -18.89 19.49
N ASN B 68 15.22 -19.78 18.54
CA ASN B 68 15.65 -19.68 17.16
C ASN B 68 15.55 -18.25 16.63
N HIS B 69 14.37 -17.64 16.84
CA HIS B 69 14.03 -16.32 16.33
C HIS B 69 14.87 -15.28 17.02
N ARG B 70 14.86 -15.31 18.34
CA ARG B 70 15.59 -14.33 19.11
C ARG B 70 17.01 -14.19 18.61
N SER B 71 17.59 -15.29 18.14
CA SER B 71 18.95 -15.30 17.59
C SER B 71 19.11 -14.27 16.46
N LEU B 72 18.03 -14.03 15.73
CA LEU B 72 18.03 -13.13 14.58
C LEU B 72 18.04 -11.67 15.00
N ARG B 73 18.98 -10.90 14.46
CA ARG B 73 19.34 -9.62 15.02
C ARG B 73 19.64 -8.61 13.92
N HIS B 74 19.70 -9.10 12.69
CA HIS B 74 19.90 -8.27 11.51
C HIS B 74 18.68 -7.37 11.35
N PRO B 75 18.89 -6.08 11.09
CA PRO B 75 17.77 -5.13 11.03
C PRO B 75 16.76 -5.40 9.91
N ASN B 76 17.20 -5.93 8.78
CA ASN B 76 16.32 -6.18 7.65
C ASN B 76 15.47 -7.41 7.89
N ILE B 77 15.30 -7.75 9.16
CA ILE B 77 14.50 -8.90 9.58
C ILE B 77 13.48 -8.39 10.57
N VAL B 78 12.30 -9.01 10.54
CA VAL B 78 11.28 -8.78 11.56
C VAL B 78 11.73 -9.44 12.88
N ARG B 79 12.26 -8.64 13.80
CA ARG B 79 12.91 -9.17 14.99
C ARG B 79 11.97 -9.41 16.16
N PHE B 80 12.18 -10.54 16.82
CA PHE B 80 11.56 -10.81 18.12
C PHE B 80 11.89 -9.70 19.11
N LYS B 81 10.95 -9.38 20.00
CA LYS B 81 11.18 -8.34 20.99
C LYS B 81 11.21 -8.90 22.42
N GLU B 82 10.24 -9.75 22.72
CA GLU B 82 9.99 -10.12 24.09
C GLU B 82 8.83 -11.11 24.18
N VAL B 83 8.75 -11.80 25.30
CA VAL B 83 7.67 -12.75 25.56
C VAL B 83 6.99 -12.36 26.87
N ILE B 84 5.67 -12.50 26.91
CA ILE B 84 4.92 -12.12 28.09
C ILE B 84 3.98 -13.25 28.51
N LEU B 85 3.62 -13.27 29.79
CA LEU B 85 2.67 -14.28 30.27
C LEU B 85 1.37 -13.65 30.73
N THR B 86 0.27 -14.14 30.16
CA THR B 86 -1.06 -13.81 30.63
C THR B 86 -1.66 -15.04 31.31
N PRO B 87 -2.71 -14.84 32.11
CA PRO B 87 -3.49 -15.96 32.64
C PRO B 87 -3.89 -16.93 31.52
N THR B 88 -4.21 -16.40 30.35
CA THR B 88 -4.81 -17.17 29.27
C THR B 88 -3.80 -17.69 28.26
N HIS B 89 -2.86 -16.84 27.88
CA HIS B 89 -2.11 -17.11 26.66
C HIS B 89 -0.61 -16.88 26.77
N LEU B 90 0.07 -17.36 25.73
CA LEU B 90 1.41 -16.89 25.51
C LEU B 90 1.38 -15.78 24.45
N ALA B 91 1.80 -14.58 24.83
CA ALA B 91 1.89 -13.46 23.89
C ALA B 91 3.30 -13.26 23.32
N ILE B 92 3.44 -13.42 22.01
CA ILE B 92 4.74 -13.18 21.39
C ILE B 92 4.76 -11.82 20.71
N VAL B 93 5.71 -11.00 21.14
CA VAL B 93 5.78 -9.62 20.72
C VAL B 93 6.98 -9.44 19.79
N MET B 94 6.75 -8.88 18.61
CA MET B 94 7.84 -8.64 17.69
C MET B 94 7.71 -7.27 17.02
N GLU B 95 8.72 -6.92 16.24
CA GLU B 95 8.66 -5.76 15.35
C GLU B 95 7.45 -5.87 14.42
N TYR B 96 6.93 -4.71 14.02
CA TYR B 96 5.87 -4.64 13.00
C TYR B 96 6.29 -3.71 11.88
N ALA B 97 6.31 -4.24 10.66
CA ALA B 97 6.52 -3.47 9.42
C ALA B 97 5.23 -2.76 9.02
N SER B 98 5.21 -1.45 9.25
CA SER B 98 4.05 -0.62 9.04
C SER B 98 3.99 0.00 7.63
N GLY B 99 4.91 -0.40 6.77
CA GLY B 99 5.04 0.19 5.45
C GLY B 99 4.36 -0.66 4.40
N GLY B 100 3.84 -1.81 4.80
CA GLY B 100 3.09 -2.65 3.89
C GLY B 100 3.99 -3.56 3.09
N GLU B 101 3.42 -4.26 2.13
CA GLU B 101 4.22 -5.18 1.31
C GLU B 101 5.01 -4.46 0.23
N LEU B 102 6.24 -4.92 0.03
CA LEU B 102 7.07 -4.48 -1.09
C LEU B 102 6.38 -4.60 -2.45
N PHE B 103 5.56 -5.62 -2.59
CA PHE B 103 4.81 -5.85 -3.82
C PHE B 103 3.81 -4.70 -4.12
N GLU B 104 3.21 -4.22 -3.05
CA GLU B 104 2.24 -3.17 -3.16
C GLU B 104 2.89 -1.89 -3.67
N ARG B 105 4.08 -1.63 -3.15
CA ARG B 105 4.91 -0.51 -3.60
C ARG B 105 5.31 -0.65 -5.06
N ILE B 106 5.67 -1.86 -5.46
CA ILE B 106 5.89 -2.11 -6.87
C ILE B 106 4.69 -1.74 -7.73
N CYS B 107 3.52 -2.28 -7.41
CA CYS B 107 2.31 -2.02 -8.16
C CYS B 107 1.96 -0.54 -8.23
N ASN B 108 2.13 0.13 -7.10
CA ASN B 108 1.97 1.57 -7.00
C ASN B 108 2.91 2.30 -7.96
N ALA B 109 4.13 1.76 -8.12
CA ALA B 109 5.15 2.37 -8.97
C ALA B 109 5.00 2.01 -10.45
N GLY B 110 4.24 0.98 -10.75
CA GLY B 110 4.30 0.41 -12.08
C GLY B 110 5.48 -0.53 -12.16
N ARG B 111 6.68 0.05 -12.06
CA ARG B 111 7.94 -0.69 -11.85
C ARG B 111 9.01 0.22 -11.24
N PHE B 112 10.09 -0.36 -10.73
CA PHE B 112 11.14 0.46 -10.15
C PHE B 112 12.19 0.80 -11.18
N SER B 113 12.92 1.87 -10.88
CA SER B 113 14.13 2.18 -11.59
C SER B 113 15.18 1.15 -11.12
N GLU B 114 16.16 0.92 -11.98
CA GLU B 114 17.20 -0.05 -11.69
C GLU B 114 17.88 0.31 -10.39
N ASP B 115 17.95 1.59 -10.08
CA ASP B 115 18.65 2.00 -8.86
C ASP B 115 17.85 1.74 -7.59
N GLU B 116 16.54 1.92 -7.67
CA GLU B 116 15.64 1.61 -6.57
C GLU B 116 15.55 0.09 -6.34
N ALA B 117 15.33 -0.65 -7.43
CA ALA B 117 15.46 -2.10 -7.44
C ALA B 117 16.78 -2.56 -6.79
N ARG B 118 17.90 -1.92 -7.16
CA ARG B 118 19.16 -2.25 -6.52
C ARG B 118 19.18 -1.95 -5.03
N PHE B 119 18.61 -0.81 -4.67
CA PHE B 119 18.57 -0.39 -3.28
C PHE B 119 17.86 -1.43 -2.40
N PHE B 120 16.73 -1.95 -2.86
CA PHE B 120 16.02 -2.93 -2.04
C PHE B 120 16.70 -4.29 -2.08
N PHE B 121 17.10 -4.67 -3.28
CA PHE B 121 17.79 -5.94 -3.50
C PHE B 121 19.07 -6.12 -2.65
N GLN B 122 19.76 -5.02 -2.41
CA GLN B 122 20.92 -5.04 -1.52
C GLN B 122 20.52 -5.49 -0.11
N GLN B 123 19.53 -4.80 0.48
CA GLN B 123 18.96 -5.20 1.75
C GLN B 123 18.49 -6.66 1.78
N LEU B 124 17.80 -7.06 0.71
CA LEU B 124 17.35 -8.44 0.55
C LEU B 124 18.49 -9.44 0.72
N ILE B 125 19.56 -9.24 -0.05
CA ILE B 125 20.70 -10.15 0.02
C ILE B 125 21.37 -10.11 1.39
N SER B 126 21.51 -8.92 1.95
CA SER B 126 22.11 -8.78 3.26
C SER B 126 21.37 -9.68 4.27
N GLY B 127 20.04 -9.52 4.35
CA GLY B 127 19.22 -10.29 5.28
C GLY B 127 19.20 -11.79 5.02
N VAL B 128 19.18 -12.19 3.75
CA VAL B 128 19.20 -13.60 3.40
C VAL B 128 20.53 -14.26 3.74
N SER B 129 21.62 -13.62 3.35
CA SER B 129 22.97 -13.98 3.76
C SER B 129 23.06 -14.21 5.28
N TYR B 130 22.64 -13.21 6.05
CA TYR B 130 22.67 -13.32 7.52
C TYR B 130 21.88 -14.53 8.01
N CYS B 131 20.68 -14.69 7.47
CA CYS B 131 19.80 -15.80 7.84
C CYS B 131 20.39 -17.15 7.52
N HIS B 132 21.06 -17.23 6.39
CA HIS B 132 21.74 -18.45 6.01
C HIS B 132 22.86 -18.75 6.98
N ALA B 133 23.62 -17.72 7.33
CA ALA B 133 24.72 -17.85 8.28
C ALA B 133 24.20 -18.22 9.67
N MET B 134 22.90 -18.10 9.91
CA MET B 134 22.36 -18.75 11.10
C MET B 134 21.52 -20.01 10.76
N GLN B 135 21.81 -20.59 9.59
CA GLN B 135 21.23 -21.87 9.11
C GLN B 135 19.71 -21.90 8.84
N VAL B 136 19.13 -20.74 8.57
CA VAL B 136 17.69 -20.62 8.25
C VAL B 136 17.44 -20.52 6.73
N CYS B 137 17.10 -21.66 6.12
CA CYS B 137 16.94 -21.72 4.68
C CYS B 137 15.47 -21.69 4.31
N HIS B 138 15.19 -21.17 3.12
CA HIS B 138 14.02 -21.60 2.40
C HIS B 138 12.70 -21.27 3.06
N ARG B 139 12.13 -22.30 3.65
CA ARG B 139 10.73 -22.30 4.05
C ARG B 139 10.54 -21.70 5.45
N ASP B 140 11.62 -21.23 6.01
CA ASP B 140 11.55 -20.50 7.27
C ASP B 140 11.45 -19.02 6.91
N LEU B 141 11.79 -18.72 5.66
CA LEU B 141 11.86 -17.36 5.13
C LEU B 141 10.75 -17.05 4.13
N LYS B 142 10.01 -15.98 4.42
CA LYS B 142 8.87 -15.58 3.59
C LYS B 142 9.36 -14.61 2.51
N LEU B 143 10.22 -15.11 1.64
CA LEU B 143 10.91 -14.25 0.68
C LEU B 143 10.04 -13.89 -0.49
N GLU B 144 8.86 -14.46 -0.53
CA GLU B 144 7.89 -14.19 -1.58
C GLU B 144 6.99 -13.03 -1.16
N ASN B 145 6.96 -12.74 0.13
CA ASN B 145 6.21 -11.58 0.57
C ASN B 145 6.98 -10.71 1.59
N THR B 146 8.05 -10.09 1.14
CA THR B 146 8.78 -9.18 2.01
C THR B 146 8.05 -7.85 2.17
N LEU B 147 8.40 -7.13 3.23
CA LEU B 147 7.60 -6.00 3.64
C LEU B 147 8.48 -4.80 3.77
N LEU B 148 7.88 -3.70 4.18
CA LEU B 148 8.61 -2.43 4.37
C LEU B 148 8.24 -1.84 5.74
N ASP B 149 9.23 -1.28 6.44
CA ASP B 149 8.98 -0.55 7.68
C ASP B 149 8.26 0.75 7.35
N GLY B 150 8.01 1.59 8.35
CA GLY B 150 7.25 2.80 8.12
C GLY B 150 8.06 4.00 7.65
N SER B 151 9.38 3.93 7.80
CA SER B 151 10.21 5.12 7.64
C SER B 151 10.01 5.85 6.31
N PRO B 152 10.17 7.18 6.33
CA PRO B 152 10.15 8.04 5.13
C PRO B 152 11.14 7.54 4.08
N ALA B 153 12.16 6.84 4.55
CA ALA B 153 13.02 6.07 3.66
C ALA B 153 12.86 4.62 4.09
N PRO B 154 12.20 3.82 3.24
CA PRO B 154 11.73 2.48 3.61
C PRO B 154 12.85 1.43 3.77
N ARG B 155 12.84 0.75 4.91
CA ARG B 155 13.66 -0.43 5.08
C ARG B 155 12.92 -1.70 4.71
N LEU B 156 13.61 -2.59 4.00
CA LEU B 156 13.10 -3.92 3.74
C LEU B 156 13.04 -4.74 5.03
N LYS B 157 12.00 -5.56 5.17
CA LYS B 157 11.78 -6.34 6.38
C LYS B 157 11.29 -7.75 6.01
N ILE B 158 12.09 -8.74 6.33
CA ILE B 158 11.76 -10.13 6.02
C ILE B 158 11.21 -10.84 7.24
N CYS B 159 10.10 -11.52 7.04
CA CYS B 159 9.47 -12.31 8.10
C CYS B 159 10.12 -13.67 8.18
N ALA B 160 10.45 -14.08 9.40
CA ALA B 160 10.97 -15.44 9.63
C ALA B 160 10.17 -16.15 10.74
N PHE B 161 9.58 -17.29 10.39
CA PHE B 161 8.74 -18.03 11.33
C PHE B 161 7.45 -17.28 11.66
N GLY B 162 6.33 -17.75 11.14
CA GLY B 162 5.03 -17.16 11.44
C GLY B 162 4.29 -17.92 12.53
N TYR B 163 5.00 -18.83 13.18
CA TYR B 163 4.43 -19.73 14.21
C TYR B 163 3.12 -20.37 13.76
N ASP B 175 -6.87 -13.43 1.58
CA ASP B 175 -5.83 -12.43 1.84
C ASP B 175 -4.78 -12.40 0.74
N THR B 176 -3.53 -12.67 1.12
CA THR B 176 -2.37 -12.49 0.24
C THR B 176 -2.13 -13.64 -0.75
N VAL B 177 -1.98 -13.28 -2.03
CA VAL B 177 -1.75 -14.23 -3.13
C VAL B 177 -0.29 -14.59 -3.31
N GLY B 178 0.02 -15.88 -3.28
CA GLY B 178 1.38 -16.32 -3.48
C GLY B 178 1.52 -17.04 -4.81
N THR B 179 2.30 -16.47 -5.73
CA THR B 179 2.49 -17.11 -7.01
C THR B 179 3.46 -18.28 -6.88
N PRO B 180 3.22 -19.34 -7.66
CA PRO B 180 4.15 -20.47 -7.82
C PRO B 180 5.48 -20.11 -8.49
N ALA B 181 5.56 -18.93 -9.10
CA ALA B 181 6.80 -18.45 -9.74
C ALA B 181 8.03 -18.47 -8.81
N TYR B 182 7.78 -18.36 -7.50
CA TYR B 182 8.80 -18.35 -6.47
C TYR B 182 9.48 -19.71 -6.28
N ILE B 183 8.82 -20.74 -6.76
CA ILE B 183 9.32 -22.10 -6.64
C ILE B 183 10.39 -22.43 -7.67
N ALA B 184 11.60 -22.67 -7.17
CA ALA B 184 12.73 -23.12 -7.98
C ALA B 184 12.46 -24.47 -8.64
N PRO B 185 12.95 -24.66 -9.88
CA PRO B 185 12.70 -25.89 -10.67
C PRO B 185 13.02 -27.19 -9.92
N GLU B 186 14.09 -27.20 -9.13
CA GLU B 186 14.54 -28.43 -8.46
C GLU B 186 13.55 -28.76 -7.36
N VAL B 187 12.95 -27.73 -6.81
CA VAL B 187 11.93 -27.88 -5.81
C VAL B 187 10.68 -28.49 -6.44
N LEU B 188 10.36 -28.06 -7.66
CA LEU B 188 9.30 -28.67 -8.47
C LEU B 188 9.54 -30.14 -8.74
N LEU B 189 10.80 -30.46 -9.06
CA LEU B 189 11.20 -31.77 -9.59
C LEU B 189 11.62 -32.77 -8.54
N LYS B 190 11.91 -32.32 -7.33
CA LYS B 190 12.60 -33.16 -6.35
C LYS B 190 12.11 -32.99 -4.91
N LYS B 191 12.23 -34.07 -4.15
CA LYS B 191 11.83 -34.09 -2.74
C LYS B 191 12.94 -33.52 -1.86
N GLU B 192 14.19 -33.64 -2.32
CA GLU B 192 15.33 -33.08 -1.59
C GLU B 192 16.23 -32.12 -2.41
N TYR B 193 16.60 -31.02 -1.78
CA TYR B 193 17.37 -29.96 -2.43
C TYR B 193 18.02 -29.05 -1.39
N ASP B 194 19.05 -28.31 -1.79
CA ASP B 194 19.58 -27.22 -0.96
C ASP B 194 18.63 -26.00 -0.86
N GLY B 195 18.13 -25.71 0.34
CA GLY B 195 17.22 -24.60 0.55
C GLY B 195 17.78 -23.22 0.27
N LYS B 196 19.08 -23.06 0.55
CA LYS B 196 19.80 -21.81 0.29
C LYS B 196 19.84 -21.42 -1.21
N VAL B 197 20.12 -22.39 -2.08
CA VAL B 197 20.12 -22.19 -3.53
C VAL B 197 18.71 -21.81 -4.03
N ALA B 198 17.72 -22.57 -3.54
CA ALA B 198 16.33 -22.28 -3.85
C ALA B 198 16.06 -20.83 -3.53
N ASP B 199 16.42 -20.43 -2.31
CA ASP B 199 16.32 -19.04 -1.91
C ASP B 199 16.91 -18.07 -2.96
N VAL B 200 18.12 -18.37 -3.44
CA VAL B 200 18.70 -17.52 -4.49
C VAL B 200 17.68 -17.33 -5.63
N TRP B 201 17.13 -18.42 -6.14
CA TRP B 201 16.08 -18.35 -7.18
C TRP B 201 14.95 -17.37 -6.80
N SER B 202 14.41 -17.60 -5.62
CA SER B 202 13.40 -16.72 -5.06
C SER B 202 13.77 -15.23 -5.18
N CYS B 203 15.00 -14.90 -4.81
CA CYS B 203 15.48 -13.52 -4.80
C CYS B 203 15.53 -12.98 -6.20
N GLY B 204 15.91 -13.86 -7.12
CA GLY B 204 15.80 -13.56 -8.53
C GLY B 204 14.40 -13.12 -8.93
N VAL B 205 13.38 -13.88 -8.52
CA VAL B 205 11.99 -13.55 -8.78
C VAL B 205 11.66 -12.16 -8.31
N THR B 206 12.01 -11.88 -7.06
CA THR B 206 11.77 -10.56 -6.48
C THR B 206 12.44 -9.40 -7.25
N LEU B 207 13.71 -9.57 -7.60
CA LEU B 207 14.42 -8.61 -8.46
C LEU B 207 13.64 -8.38 -9.76
N TYR B 208 13.40 -9.45 -10.50
CA TYR B 208 12.65 -9.35 -11.74
C TYR B 208 11.37 -8.54 -11.60
N VAL B 209 10.52 -8.95 -10.66
CA VAL B 209 9.24 -8.28 -10.43
C VAL B 209 9.44 -6.79 -10.14
N MET B 210 10.42 -6.44 -9.30
CA MET B 210 10.76 -5.02 -9.07
C MET B 210 11.05 -4.25 -10.39
N LEU B 211 11.79 -4.91 -11.29
CA LEU B 211 12.24 -4.26 -12.51
C LEU B 211 11.18 -4.21 -13.63
N VAL B 212 10.30 -5.19 -13.64
CA VAL B 212 9.39 -5.43 -14.73
C VAL B 212 7.98 -5.03 -14.29
N GLY B 213 7.73 -5.16 -12.99
CA GLY B 213 6.42 -4.88 -12.42
C GLY B 213 5.47 -6.06 -12.56
N ALA B 214 6.01 -7.19 -13.01
CA ALA B 214 5.24 -8.41 -13.14
C ALA B 214 6.13 -9.61 -12.85
N TYR B 215 5.52 -10.73 -12.47
CA TYR B 215 6.27 -11.95 -12.16
C TYR B 215 6.78 -12.60 -13.43
N PRO B 216 7.95 -13.23 -13.33
CA PRO B 216 8.46 -13.95 -14.50
C PRO B 216 7.68 -15.26 -14.66
N PHE B 217 7.80 -15.95 -15.79
CA PHE B 217 7.24 -17.30 -15.90
C PHE B 217 5.71 -17.31 -15.91
N GLU B 218 5.11 -16.73 -14.88
CA GLU B 218 3.67 -16.51 -14.87
C GLU B 218 3.20 -15.69 -16.08
N ASP B 219 2.27 -16.24 -16.84
CA ASP B 219 1.57 -15.49 -17.89
C ASP B 219 0.60 -14.51 -17.21
N PRO B 220 0.81 -13.20 -17.44
CA PRO B 220 0.05 -12.18 -16.70
C PRO B 220 -1.45 -12.27 -16.97
N GLU B 221 -1.83 -12.89 -18.08
CA GLU B 221 -3.22 -12.93 -18.51
C GLU B 221 -3.92 -14.26 -18.20
N GLU B 222 -3.14 -15.25 -17.76
CA GLU B 222 -3.73 -16.45 -17.18
C GLU B 222 -2.86 -16.92 -16.03
N PRO B 223 -2.86 -16.13 -14.94
CA PRO B 223 -2.06 -16.41 -13.75
C PRO B 223 -2.50 -17.71 -13.08
N LYS B 224 -3.76 -18.11 -13.30
CA LYS B 224 -4.28 -19.34 -12.73
C LYS B 224 -4.13 -20.52 -13.67
N ASN B 225 -3.30 -20.35 -14.68
CA ASN B 225 -2.94 -21.48 -15.54
C ASN B 225 -1.64 -22.00 -15.00
N PHE B 226 -1.74 -22.74 -13.92
CA PHE B 226 -0.56 -23.15 -13.17
C PHE B 226 0.33 -24.08 -13.96
N ARG B 227 -0.28 -24.90 -14.80
CA ARG B 227 0.49 -25.84 -15.59
C ARG B 227 1.46 -25.06 -16.47
N LYS B 228 0.93 -24.02 -17.13
CA LYS B 228 1.72 -23.16 -18.00
C LYS B 228 2.86 -22.48 -17.25
N THR B 229 2.52 -21.79 -16.17
CA THR B 229 3.51 -21.22 -15.24
C THR B 229 4.64 -22.20 -14.91
N ILE B 230 4.28 -23.35 -14.37
CA ILE B 230 5.26 -24.38 -13.99
C ILE B 230 6.13 -24.83 -15.13
N HIS B 231 5.49 -25.07 -16.26
CA HIS B 231 6.22 -25.34 -17.48
C HIS B 231 7.32 -24.29 -17.70
N ARG B 232 6.95 -23.01 -17.76
CA ARG B 232 7.93 -21.95 -18.00
C ARG B 232 9.03 -21.90 -16.92
N ILE B 233 8.67 -22.21 -15.67
CA ILE B 233 9.68 -22.32 -14.62
C ILE B 233 10.69 -23.42 -14.91
N LEU B 234 10.20 -24.59 -15.29
CA LEU B 234 11.04 -25.74 -15.56
C LEU B 234 11.99 -25.51 -16.72
N ASN B 235 11.51 -24.79 -17.72
CA ASN B 235 12.29 -24.49 -18.91
C ASN B 235 12.88 -23.08 -18.88
N VAL B 236 12.78 -22.47 -17.71
CA VAL B 236 13.38 -21.17 -17.45
C VAL B 236 13.03 -20.15 -18.56
N GLN B 237 11.78 -20.19 -19.04
CA GLN B 237 11.35 -19.29 -20.10
C GLN B 237 10.88 -17.97 -19.55
N TYR B 238 11.76 -16.98 -19.56
CA TYR B 238 11.40 -15.62 -19.20
C TYR B 238 11.91 -14.65 -20.26
N ALA B 239 11.36 -13.43 -20.25
CA ALA B 239 11.62 -12.48 -21.33
C ALA B 239 11.44 -11.05 -20.86
N ILE B 240 12.53 -10.39 -20.51
CA ILE B 240 12.47 -8.97 -20.17
C ILE B 240 11.86 -8.12 -21.28
N PRO B 241 10.69 -7.51 -21.01
CA PRO B 241 9.97 -6.65 -21.95
C PRO B 241 10.86 -5.64 -22.66
N ASP B 242 10.52 -5.40 -23.92
CA ASP B 242 11.28 -4.49 -24.76
C ASP B 242 11.36 -3.09 -24.20
N TYR B 243 10.29 -2.64 -23.56
CA TYR B 243 10.26 -1.29 -23.00
C TYR B 243 10.96 -1.17 -21.64
N VAL B 244 11.34 -2.31 -21.09
CA VAL B 244 12.14 -2.30 -19.88
C VAL B 244 13.60 -2.32 -20.29
N HIS B 245 14.35 -1.36 -19.77
CA HIS B 245 15.75 -1.26 -20.15
C HIS B 245 16.65 -1.30 -18.95
N ILE B 246 17.47 -2.34 -18.88
CA ILE B 246 18.37 -2.50 -17.75
C ILE B 246 19.80 -2.64 -18.20
N SER B 247 20.72 -2.24 -17.32
CA SER B 247 22.14 -2.37 -17.59
C SER B 247 22.47 -3.83 -17.95
N PRO B 248 23.54 -4.01 -18.73
CA PRO B 248 23.98 -5.37 -19.10
C PRO B 248 24.42 -6.18 -17.88
N GLU B 249 24.98 -5.51 -16.87
CA GLU B 249 25.36 -6.12 -15.59
C GLU B 249 24.18 -6.78 -14.89
N CYS B 250 23.10 -5.98 -14.76
CA CYS B 250 21.82 -6.40 -14.21
C CYS B 250 21.29 -7.61 -14.99
N ARG B 251 21.22 -7.48 -16.32
CA ARG B 251 20.73 -8.56 -17.17
C ARG B 251 21.51 -9.86 -16.95
N HIS B 252 22.82 -9.72 -16.85
CA HIS B 252 23.72 -10.81 -16.54
C HIS B 252 23.39 -11.50 -15.23
N LEU B 253 23.35 -10.72 -14.15
CA LEU B 253 23.00 -11.22 -12.82
C LEU B 253 21.69 -12.04 -12.87
N ILE B 254 20.65 -11.46 -13.45
CA ILE B 254 19.42 -12.19 -13.68
C ILE B 254 19.63 -13.50 -14.43
N SER B 255 20.40 -13.49 -15.50
CA SER B 255 20.65 -14.74 -16.25
C SER B 255 21.38 -15.79 -15.41
N ARG B 256 22.14 -15.31 -14.43
CA ARG B 256 22.94 -16.14 -13.57
C ARG B 256 22.14 -16.70 -12.40
N ILE B 257 20.99 -16.07 -12.10
CA ILE B 257 20.13 -16.58 -11.03
C ILE B 257 19.13 -17.54 -11.62
N PHE B 258 18.52 -17.16 -12.73
CA PHE B 258 17.52 -18.02 -13.36
C PHE B 258 18.17 -19.19 -14.08
N VAL B 259 18.85 -20.04 -13.31
CA VAL B 259 19.52 -21.24 -13.84
C VAL B 259 18.84 -22.45 -13.25
N ALA B 260 18.31 -23.33 -14.11
CA ALA B 260 17.56 -24.51 -13.66
C ALA B 260 18.37 -25.46 -12.77
N ASP B 261 19.63 -25.66 -13.16
CA ASP B 261 20.53 -26.48 -12.39
C ASP B 261 21.05 -25.76 -11.15
N PRO B 262 20.63 -26.20 -9.96
CA PRO B 262 21.08 -25.59 -8.72
C PRO B 262 22.59 -25.59 -8.59
N ALA B 263 23.25 -26.58 -9.16
CA ALA B 263 24.70 -26.66 -9.11
C ALA B 263 25.33 -25.45 -9.81
N LYS B 264 24.69 -25.00 -10.88
CA LYS B 264 25.23 -23.93 -11.69
C LYS B 264 24.69 -22.53 -11.36
N ARG B 265 23.66 -22.46 -10.52
CA ARG B 265 23.11 -21.17 -10.11
C ARG B 265 24.10 -20.35 -9.28
N ILE B 266 24.16 -19.04 -9.54
CA ILE B 266 25.03 -18.16 -8.78
C ILE B 266 24.71 -18.29 -7.28
N SER B 267 25.72 -18.13 -6.45
CA SER B 267 25.53 -18.32 -5.02
C SER B 267 25.43 -16.95 -4.37
N ILE B 268 25.02 -16.93 -3.11
CA ILE B 268 24.87 -15.67 -2.38
C ILE B 268 26.16 -14.85 -2.32
N PRO B 269 27.27 -15.48 -1.86
CA PRO B 269 28.57 -14.80 -1.86
C PRO B 269 28.94 -14.30 -3.26
N GLU B 270 28.74 -15.14 -4.27
CA GLU B 270 29.01 -14.72 -5.64
C GLU B 270 28.28 -13.41 -6.00
N ILE B 271 27.00 -13.35 -5.61
CA ILE B 271 26.18 -12.15 -5.76
C ILE B 271 26.74 -10.97 -4.96
N ARG B 272 27.13 -11.26 -3.72
CA ARG B 272 27.76 -10.25 -2.87
C ARG B 272 28.97 -9.61 -3.56
N ASN B 273 29.61 -10.35 -4.47
CA ASN B 273 30.72 -9.77 -5.21
C ASN B 273 30.42 -9.35 -6.63
N HIS B 274 29.16 -9.41 -7.03
CA HIS B 274 28.78 -9.06 -8.40
C HIS B 274 28.74 -7.54 -8.58
N GLU B 275 29.14 -7.08 -9.76
CA GLU B 275 29.36 -5.65 -10.00
C GLU B 275 28.08 -4.83 -9.78
N TRP B 276 26.96 -5.36 -10.28
CA TRP B 276 25.66 -4.71 -10.11
C TRP B 276 25.30 -4.58 -8.64
N PHE B 277 25.63 -5.61 -7.87
CA PHE B 277 25.31 -5.63 -6.46
C PHE B 277 26.11 -4.59 -5.70
N LEU B 278 27.36 -4.40 -6.13
CA LEU B 278 28.28 -3.59 -5.36
C LEU B 278 28.06 -2.11 -5.55
N LYS B 279 27.49 -1.73 -6.70
CA LYS B 279 27.26 -0.33 -7.01
C LYS B 279 26.43 0.41 -5.94
N ASN B 280 26.97 1.52 -5.46
CA ASN B 280 26.32 2.33 -4.42
C ASN B 280 25.99 1.54 -3.16
N LEU B 281 26.61 0.37 -2.99
CA LEU B 281 26.40 -0.42 -1.79
C LEU B 281 26.86 0.30 -0.53
N PRO B 282 25.91 0.59 0.37
CA PRO B 282 26.25 1.10 1.71
C PRO B 282 27.14 0.08 2.45
N ALA B 283 28.14 0.55 3.17
CA ALA B 283 29.12 -0.34 3.79
C ALA B 283 28.59 -1.05 5.05
N ASP B 284 27.62 -0.44 5.72
CA ASP B 284 26.98 -1.07 6.87
C ASP B 284 26.50 -2.48 6.54
N LEU B 285 26.36 -2.78 5.25
CA LEU B 285 25.91 -4.09 4.79
C LEU B 285 27.10 -4.95 4.34
N PRO B 301 19.44 -5.49 24.96
CA PRO B 301 19.14 -5.52 26.38
C PRO B 301 17.77 -6.13 26.64
N GLY B 302 17.46 -7.23 25.96
CA GLY B 302 16.12 -7.79 25.98
C GLY B 302 15.84 -8.67 27.19
N GLN B 303 15.78 -9.97 26.95
CA GLN B 303 15.54 -10.92 28.03
C GLN B 303 16.69 -11.93 28.14
N SER B 304 16.94 -12.38 29.36
CA SER B 304 17.81 -13.52 29.58
C SER B 304 17.08 -14.71 28.98
N ILE B 305 17.79 -15.53 28.20
CA ILE B 305 17.19 -16.73 27.66
C ILE B 305 16.66 -17.59 28.81
N GLU B 306 17.27 -17.41 29.97
CA GLU B 306 16.89 -18.09 31.19
C GLU B 306 15.43 -17.78 31.59
N GLU B 307 15.13 -16.48 31.74
CA GLU B 307 13.81 -16.02 32.15
C GLU B 307 12.77 -16.26 31.05
N ILE B 308 13.23 -16.20 29.80
CA ILE B 308 12.42 -16.61 28.67
C ILE B 308 11.92 -18.04 28.88
N MET B 309 12.86 -18.94 29.13
CA MET B 309 12.51 -20.32 29.43
C MET B 309 11.61 -20.43 30.67
N GLN B 310 11.85 -19.58 31.66
CA GLN B 310 10.98 -19.55 32.85
C GLN B 310 9.53 -19.25 32.51
N ILE B 311 9.32 -18.27 31.63
CA ILE B 311 7.96 -17.89 31.23
C ILE B 311 7.31 -18.92 30.32
N ILE B 312 8.09 -19.51 29.41
CA ILE B 312 7.56 -20.59 28.59
C ILE B 312 7.04 -21.72 29.48
N ALA B 313 7.88 -22.10 30.44
CA ALA B 313 7.51 -23.12 31.42
C ALA B 313 6.21 -22.72 32.10
N GLU B 314 6.29 -21.67 32.91
CA GLU B 314 5.13 -21.13 33.62
C GLU B 314 3.89 -21.12 32.74
N ALA B 315 4.09 -21.01 31.43
CA ALA B 315 3.01 -20.92 30.45
C ALA B 315 2.45 -22.26 29.99
N THR B 316 3.24 -23.33 30.10
CA THR B 316 2.77 -24.65 29.65
C THR B 316 1.60 -25.23 30.46
N VAL B 317 1.29 -24.61 31.60
CA VAL B 317 0.15 -25.03 32.41
C VAL B 317 -0.97 -23.99 32.40
N PRO B 318 -2.21 -24.44 32.11
CA PRO B 318 -3.41 -23.59 32.00
C PRO B 318 -4.33 -23.57 33.23
N PRO B 319 -4.44 -22.41 33.90
CA PRO B 319 -5.41 -22.25 34.99
C PRO B 319 -6.82 -22.61 34.54
C1 EDO C . -24.40 7.68 -3.45
O1 EDO C . -24.23 9.11 -3.20
C2 EDO C . -25.85 7.28 -3.26
O2 EDO C . -26.42 7.33 -4.60
AU AU D . -32.49 -1.90 11.00
C1 EDO E . -6.22 -18.99 -16.81
O1 EDO E . -6.29 -18.27 -15.56
C2 EDO E . -6.83 -20.35 -16.60
O2 EDO E . -5.99 -21.23 -17.44
#